data_5KCC
#
_entry.id   5KCC
#
_cell.length_a   54.530
_cell.length_b   81.160
_cell.length_c   58.680
_cell.angle_alpha   90.000
_cell.angle_beta   110.800
_cell.angle_gamma   90.000
#
_symmetry.space_group_name_H-M   'P 1 21 1'
#
loop_
_entity.id
_entity.type
_entity.pdbx_description
1 polymer 'Estrogen receptor'
2 polymer NCOA2
3 non-polymer (1S,2R,4S)-5,6-bis(4-hydroxyphenyl)-N-phenyl-7-oxabicyclo[2.2.1]hept-5-ene-2-sulfonamide
4 water water
#
loop_
_entity_poly.entity_id
_entity_poly.type
_entity_poly.pdbx_seq_one_letter_code
_entity_poly.pdbx_strand_id
1 'polypeptide(L)'
;IKRSKKNSLALSLTADQMVSALLDAEPPILYSEYDPTRPFSEASMMGLLTNLADRELVHMINWAKRVPGFVDLTLHDQVH
LLECAWLEILMIGLVWRSMEHPGKLLFAPNLLLDRNQGKCVEGMVEIFDMLLATSSRFRMMNLQGEEFVCLKSIILLNSG
VYTFLSSTLKSLEEKDHIHRVLDKITDTLIHLMAKAGLTLQQQHQRLAQLLLILSHIRHMSNKGMEHLYSMKCKNVVPLS
DLLLEMLDAHRLHAPTS
;
A,B
2 'polypeptide(L)' KHKILHRLLQDSSS C,D
#
loop_
_chem_comp.id
_chem_comp.type
_chem_comp.name
_chem_comp.formula
OB1 non-polymer (1S,2R,4S)-5,6-bis(4-hydroxyphenyl)-N-phenyl-7-oxabicyclo[2.2.1]hept-5-ene-2-sulfonamide 'C24 H21 N O5 S'
#
# COMPACT_ATOMS: atom_id res chain seq x y z
N SER A 8 12.49 21.37 12.79
CA SER A 8 13.79 21.58 13.41
C SER A 8 14.94 21.08 12.53
N LEU A 9 15.73 20.16 13.07
CA LEU A 9 16.95 19.69 12.42
C LEU A 9 16.73 19.00 11.07
N ALA A 10 15.63 18.25 10.94
CA ALA A 10 15.39 17.42 9.76
C ALA A 10 15.37 18.19 8.44
N LEU A 11 14.80 19.38 8.45
CA LEU A 11 14.62 20.14 7.22
C LEU A 11 15.90 20.82 6.74
N SER A 12 16.81 21.11 7.66
CA SER A 12 18.05 21.80 7.33
C SER A 12 19.10 20.86 6.74
N LEU A 13 18.84 19.55 6.81
CA LEU A 13 19.78 18.55 6.33
C LEU A 13 19.81 18.46 4.80
N THR A 14 21.01 18.27 4.25
CA THR A 14 21.15 18.04 2.83
C THR A 14 20.93 16.56 2.53
N ALA A 15 20.98 16.19 1.25
CA ALA A 15 20.71 14.83 0.84
C ALA A 15 21.79 13.85 1.33
N ASP A 16 23.04 14.26 1.22
CA ASP A 16 24.17 13.41 1.61
C ASP A 16 24.19 13.11 3.11
N GLN A 17 23.86 14.10 3.93
CA GLN A 17 23.86 13.91 5.37
C GLN A 17 22.51 13.41 5.86
N MET A 18 21.54 13.31 4.94
CA MET A 18 20.29 12.61 5.22
C MET A 18 20.54 11.11 5.07
N VAL A 19 21.22 10.75 3.99
CA VAL A 19 21.67 9.38 3.76
C VAL A 19 22.59 8.94 4.89
N SER A 20 23.53 9.81 5.25
CA SER A 20 24.48 9.54 6.32
C SER A 20 23.78 9.26 7.65
N ALA A 21 22.73 10.02 7.93
CA ALA A 21 21.98 9.87 9.17
C ALA A 21 21.22 8.54 9.20
N LEU A 22 20.65 8.16 8.07
CA LEU A 22 19.85 6.94 7.98
C LEU A 22 20.70 5.68 8.01
N LEU A 23 21.91 5.76 7.45
CA LEU A 23 22.81 4.62 7.43
C LEU A 23 23.41 4.34 8.81
N ASP A 24 23.69 5.40 9.56
CA ASP A 24 24.24 5.26 10.91
C ASP A 24 23.16 4.82 11.89
N ALA A 25 21.90 5.06 11.52
CA ALA A 25 20.77 4.76 12.39
C ALA A 25 20.30 3.32 12.21
N GLU A 26 20.88 2.63 11.25
CA GLU A 26 20.48 1.26 10.93
C GLU A 26 20.56 0.33 12.12
N PRO A 27 19.50 -0.47 12.33
CA PRO A 27 19.49 -1.51 13.35
C PRO A 27 20.34 -2.70 12.91
N PRO A 28 20.84 -3.49 13.87
CA PRO A 28 21.66 -4.66 13.52
C PRO A 28 20.82 -5.84 13.03
N ILE A 29 21.48 -6.82 12.42
CA ILE A 29 20.83 -8.04 12.03
C ILE A 29 20.92 -9.04 13.17
N LEU A 30 19.77 -9.41 13.74
CA LEU A 30 19.74 -10.26 14.92
C LEU A 30 19.72 -11.74 14.56
N TYR A 31 20.20 -12.56 15.48
CA TYR A 31 20.23 -14.01 15.27
C TYR A 31 19.02 -14.67 15.91
N SER A 32 18.60 -15.79 15.33
CA SER A 32 17.51 -16.58 15.89
C SER A 32 18.06 -17.62 16.86
N GLU A 33 17.15 -18.34 17.51
CA GLU A 33 17.53 -19.43 18.41
C GLU A 33 17.25 -20.77 17.73
N TYR A 34 17.40 -20.79 16.41
CA TYR A 34 17.13 -21.97 15.62
C TYR A 34 18.22 -23.02 15.77
N ASP A 35 17.81 -24.25 16.09
CA ASP A 35 18.73 -25.37 16.20
C ASP A 35 18.40 -26.40 15.11
N PRO A 36 19.27 -26.50 14.09
CA PRO A 36 19.07 -27.44 12.98
C PRO A 36 19.29 -28.90 13.36
N THR A 37 18.99 -29.22 14.59
CA THR A 37 19.10 -30.58 15.06
C THR A 37 17.79 -30.99 15.67
N ARG A 38 16.89 -30.06 15.84
CA ARG A 38 15.59 -30.35 16.39
C ARG A 38 14.62 -30.62 15.29
N PRO A 39 13.35 -30.95 15.74
CA PRO A 39 12.39 -31.11 14.68
C PRO A 39 11.72 -29.74 14.52
N PHE A 40 11.09 -29.47 13.40
CA PHE A 40 10.42 -28.20 13.23
C PHE A 40 8.94 -28.50 13.22
N SER A 41 8.12 -27.50 13.38
CA SER A 41 6.69 -27.69 13.37
C SER A 41 6.00 -26.36 13.18
N GLU A 42 4.71 -26.31 13.47
CA GLU A 42 3.94 -25.09 13.34
C GLU A 42 4.23 -24.13 14.49
N ALA A 43 4.13 -24.66 15.71
CA ALA A 43 4.38 -23.87 16.91
C ALA A 43 5.87 -23.55 17.05
N SER A 44 6.72 -24.38 16.45
CA SER A 44 8.16 -24.18 16.53
C SER A 44 8.59 -22.97 15.71
N MET A 45 8.19 -22.93 14.44
CA MET A 45 8.49 -21.81 13.56
C MET A 45 7.87 -20.51 14.07
N MET A 46 6.58 -20.58 14.41
CA MET A 46 5.86 -19.42 14.91
C MET A 46 6.48 -18.91 16.21
N GLY A 47 7.05 -19.84 16.98
CA GLY A 47 7.74 -19.48 18.21
C GLY A 47 9.07 -18.81 17.94
N LEU A 48 9.77 -19.27 16.91
CA LEU A 48 11.05 -18.70 16.53
C LEU A 48 10.90 -17.30 15.94
N LEU A 49 9.88 -17.14 15.08
CA LEU A 49 9.64 -15.87 14.42
C LEU A 49 9.09 -14.82 15.38
N THR A 50 8.26 -15.26 16.32
CA THR A 50 7.71 -14.37 17.33
C THR A 50 8.81 -13.77 18.20
N ASN A 51 9.70 -14.63 18.68
CA ASN A 51 10.79 -14.21 19.55
C ASN A 51 11.78 -13.31 18.80
N LEU A 52 12.03 -13.64 17.53
CA LEU A 52 12.92 -12.84 16.69
C LEU A 52 12.35 -11.44 16.44
N ALA A 53 11.09 -11.39 16.02
CA ALA A 53 10.44 -10.13 15.71
C ALA A 53 10.31 -9.25 16.95
N ASP A 54 10.09 -9.88 18.09
CA ASP A 54 9.95 -9.15 19.35
C ASP A 54 11.22 -8.42 19.74
N ARG A 55 12.37 -9.01 19.41
CA ARG A 55 13.66 -8.39 19.70
C ARG A 55 13.98 -7.31 18.67
N GLU A 56 13.52 -7.52 17.44
CA GLU A 56 13.69 -6.52 16.39
C GLU A 56 12.88 -5.27 16.66
N LEU A 57 11.72 -5.43 17.29
CA LEU A 57 10.84 -4.32 17.61
C LEU A 57 11.54 -3.31 18.52
N VAL A 58 12.29 -3.82 19.49
CA VAL A 58 13.03 -2.97 20.42
C VAL A 58 14.06 -2.11 19.67
N HIS A 59 14.74 -2.73 18.71
CA HIS A 59 15.72 -2.01 17.89
C HIS A 59 15.04 -1.01 16.96
N MET A 60 13.87 -1.40 16.45
CA MET A 60 13.11 -0.55 15.55
C MET A 60 12.68 0.74 16.25
N ILE A 61 12.30 0.61 17.52
CA ILE A 61 11.86 1.75 18.32
C ILE A 61 12.99 2.77 18.48
N ASN A 62 14.18 2.29 18.81
CA ASN A 62 15.34 3.17 18.97
C ASN A 62 15.92 3.60 17.63
N TRP A 63 15.55 2.89 16.57
CA TRP A 63 15.92 3.29 15.23
C TRP A 63 15.03 4.44 14.76
N ALA A 64 13.73 4.35 15.05
CA ALA A 64 12.77 5.36 14.64
C ALA A 64 13.09 6.71 15.26
N LYS A 65 13.70 6.71 16.43
CA LYS A 65 14.10 7.92 17.09
C LYS A 65 15.21 8.67 16.38
N ARG A 66 15.99 7.96 15.60
CA ARG A 66 17.07 8.55 14.88
C ARG A 66 16.72 8.86 13.47
N VAL A 67 15.45 8.72 13.11
CA VAL A 67 15.01 9.05 11.78
C VAL A 67 14.72 10.54 11.78
N PRO A 68 15.51 11.32 10.94
CA PRO A 68 15.22 12.76 10.92
C PRO A 68 13.78 13.15 10.90
N GLY A 69 13.33 13.77 11.96
CA GLY A 69 11.98 14.19 12.03
C GLY A 69 11.06 13.48 13.00
N PHE A 70 11.28 12.21 13.23
CA PHE A 70 10.35 11.46 14.02
C PHE A 70 10.23 12.07 15.40
N VAL A 71 11.35 12.47 15.97
CA VAL A 71 11.40 12.99 17.34
C VAL A 71 10.63 14.31 17.58
N ASP A 72 10.54 15.13 16.56
CA ASP A 72 9.79 16.37 16.58
C ASP A 72 8.34 16.11 16.86
N LEU A 73 7.84 15.00 16.40
CA LEU A 73 6.49 14.57 16.66
C LEU A 73 6.11 14.34 18.15
N THR A 74 4.85 14.53 18.46
CA THR A 74 4.37 14.19 19.79
C THR A 74 4.49 12.69 20.00
N LEU A 75 4.51 12.27 21.27
CA LEU A 75 4.67 10.86 21.60
C LEU A 75 3.50 10.03 21.07
N HIS A 76 2.30 10.60 21.13
CA HIS A 76 1.10 9.89 20.67
C HIS A 76 1.14 9.65 19.17
N ASP A 77 1.77 10.56 18.43
CA ASP A 77 1.92 10.41 16.99
C ASP A 77 3.00 9.38 16.67
N GLN A 78 4.05 9.35 17.49
CA GLN A 78 5.13 8.38 17.31
C GLN A 78 4.62 6.97 17.59
N VAL A 79 3.77 6.84 18.59
CA VAL A 79 3.14 5.57 18.92
C VAL A 79 2.28 5.08 17.76
N HIS A 80 1.46 6.00 17.22
CA HIS A 80 0.55 5.68 16.13
C HIS A 80 1.29 5.21 14.88
N LEU A 81 2.34 5.93 14.50
CA LEU A 81 3.10 5.60 13.29
C LEU A 81 3.77 4.24 13.38
N LEU A 82 4.38 3.94 14.53
CA LEU A 82 5.04 2.66 14.74
C LEU A 82 4.03 1.51 14.80
N GLU A 83 2.88 1.76 15.42
CA GLU A 83 1.82 0.77 15.52
C GLU A 83 1.28 0.41 14.13
N CYS A 84 1.33 1.38 13.22
CA CYS A 84 0.80 1.19 11.87
C CYS A 84 1.82 0.52 10.93
N ALA A 85 3.11 0.78 11.15
CA ALA A 85 4.12 0.40 10.17
C ALA A 85 5.10 -0.67 10.63
N TRP A 86 4.95 -1.17 11.85
CA TRP A 86 5.95 -2.08 12.41
C TRP A 86 6.15 -3.35 11.58
N LEU A 87 5.08 -3.88 11.00
CA LEU A 87 5.18 -5.09 10.21
C LEU A 87 5.74 -4.79 8.83
N GLU A 88 5.40 -3.63 8.28
CA GLU A 88 5.93 -3.21 6.99
C GLU A 88 7.45 -3.04 7.06
N ILE A 89 7.91 -2.43 8.14
CA ILE A 89 9.33 -2.18 8.35
C ILE A 89 10.10 -3.49 8.52
N LEU A 90 9.51 -4.43 9.26
CA LEU A 90 10.11 -5.75 9.42
C LEU A 90 10.18 -6.48 8.08
N MET A 91 9.12 -6.36 7.29
CA MET A 91 9.04 -7.07 6.00
C MET A 91 10.01 -6.53 4.96
N ILE A 92 10.11 -5.21 4.85
CA ILE A 92 11.02 -4.61 3.87
C ILE A 92 12.47 -4.87 4.28
N GLY A 93 12.70 -5.03 5.57
CA GLY A 93 14.01 -5.39 6.06
C GLY A 93 14.31 -6.84 5.69
N LEU A 94 13.28 -7.67 5.79
CA LEU A 94 13.38 -9.09 5.45
C LEU A 94 13.71 -9.29 3.98
N VAL A 95 12.94 -8.65 3.11
CA VAL A 95 13.13 -8.81 1.66
C VAL A 95 14.43 -8.13 1.19
N TRP A 96 14.95 -7.22 2.00
CA TRP A 96 16.20 -6.54 1.67
C TRP A 96 17.40 -7.46 1.86
N ARG A 97 17.48 -8.10 3.02
CA ARG A 97 18.60 -8.99 3.32
C ARG A 97 18.42 -10.35 2.68
N SER A 98 17.27 -10.56 2.04
CA SER A 98 17.00 -11.81 1.34
C SER A 98 17.30 -11.70 -0.15
N MET A 99 17.85 -10.58 -0.57
CA MET A 99 18.16 -10.33 -1.97
C MET A 99 19.20 -11.29 -2.52
N GLU A 100 20.23 -11.57 -1.73
CA GLU A 100 21.32 -12.43 -2.17
C GLU A 100 20.91 -13.91 -2.24
N HIS A 101 19.73 -14.22 -1.72
CA HIS A 101 19.27 -15.60 -1.65
C HIS A 101 17.95 -15.81 -2.38
N PRO A 102 18.01 -16.00 -3.71
CA PRO A 102 16.82 -16.21 -4.55
C PRO A 102 16.01 -17.42 -4.12
N GLY A 103 14.69 -17.24 -4.00
CA GLY A 103 13.81 -18.31 -3.60
C GLY A 103 13.85 -18.59 -2.11
N LYS A 104 14.67 -17.81 -1.39
CA LYS A 104 14.84 -18.00 0.05
C LYS A 104 14.55 -16.73 0.82
N LEU A 105 14.14 -16.88 2.08
CA LEU A 105 13.90 -15.74 2.95
C LEU A 105 14.85 -15.76 4.15
N LEU A 106 15.77 -14.80 4.18
CA LEU A 106 16.74 -14.71 5.26
C LEU A 106 16.16 -13.97 6.47
N PHE A 107 15.45 -14.70 7.32
CA PHE A 107 14.92 -14.12 8.55
C PHE A 107 16.05 -13.78 9.51
N ALA A 108 17.07 -14.62 9.51
CA ALA A 108 18.25 -14.44 10.35
C ALA A 108 19.43 -15.14 9.68
N PRO A 109 20.66 -14.70 9.99
CA PRO A 109 21.86 -15.31 9.38
C PRO A 109 21.91 -16.83 9.57
N ASN A 110 21.26 -17.34 10.61
CA ASN A 110 21.17 -18.78 10.83
C ASN A 110 19.76 -19.31 10.65
N LEU A 111 18.99 -18.66 9.79
CA LEU A 111 17.60 -19.07 9.56
C LEU A 111 17.15 -18.76 8.12
N LEU A 112 17.36 -19.72 7.23
CA LEU A 112 17.00 -19.58 5.83
C LEU A 112 15.84 -20.50 5.45
N LEU A 113 14.67 -19.91 5.22
CA LEU A 113 13.50 -20.68 4.81
C LEU A 113 13.18 -20.48 3.34
N ASP A 114 12.79 -21.57 2.68
CA ASP A 114 12.29 -21.49 1.32
C ASP A 114 10.77 -21.55 1.32
N ARG A 115 10.16 -21.64 0.15
CA ARG A 115 8.72 -21.67 0.03
C ARG A 115 8.11 -22.87 0.73
N ASN A 116 8.83 -23.99 0.70
CA ASN A 116 8.35 -25.25 1.27
C ASN A 116 8.06 -25.15 2.76
N GLN A 117 9.01 -24.62 3.52
CA GLN A 117 8.89 -24.54 4.97
C GLN A 117 7.85 -23.51 5.42
N GLY A 118 7.37 -22.71 4.48
CA GLY A 118 6.33 -21.74 4.77
C GLY A 118 5.00 -22.44 5.00
N LYS A 119 4.86 -23.64 4.44
CA LYS A 119 3.64 -24.42 4.57
C LYS A 119 3.48 -25.02 5.96
N CYS A 120 4.53 -24.93 6.78
CA CYS A 120 4.48 -25.43 8.15
C CYS A 120 3.50 -24.62 8.99
N VAL A 121 3.20 -23.41 8.53
CA VAL A 121 2.20 -22.57 9.16
C VAL A 121 1.08 -22.27 8.17
N GLU A 122 -0.16 -22.22 8.65
CA GLU A 122 -1.32 -22.01 7.79
C GLU A 122 -1.45 -20.55 7.34
N GLY A 123 -1.50 -20.35 6.03
CA GLY A 123 -1.66 -19.02 5.46
C GLY A 123 -0.38 -18.25 5.31
N MET A 124 0.74 -18.86 5.71
CA MET A 124 2.03 -18.21 5.66
C MET A 124 2.70 -18.36 4.30
N VAL A 125 2.40 -19.47 3.63
CA VAL A 125 3.04 -19.78 2.34
C VAL A 125 2.64 -18.77 1.25
N GLU A 126 1.45 -18.20 1.36
CA GLU A 126 0.99 -17.21 0.40
C GLU A 126 1.74 -15.89 0.59
N ILE A 127 1.92 -15.52 1.86
CA ILE A 127 2.64 -14.30 2.20
C ILE A 127 4.12 -14.41 1.87
N PHE A 128 4.66 -15.62 2.01
CA PHE A 128 6.04 -15.89 1.64
C PHE A 128 6.29 -15.60 0.17
N ASP A 129 5.40 -16.08 -0.69
CA ASP A 129 5.53 -15.88 -2.13
C ASP A 129 5.54 -14.41 -2.50
N MET A 130 4.72 -13.63 -1.80
CA MET A 130 4.68 -12.19 -1.99
C MET A 130 5.97 -11.55 -1.50
N LEU A 131 6.47 -12.05 -0.37
CA LEU A 131 7.76 -11.59 0.16
C LEU A 131 8.90 -12.01 -0.76
N LEU A 132 8.80 -13.22 -1.30
CA LEU A 132 9.79 -13.70 -2.26
C LEU A 132 9.78 -12.87 -3.55
N ALA A 133 8.58 -12.58 -4.03
CA ALA A 133 8.41 -11.77 -5.23
C ALA A 133 8.94 -10.35 -5.03
N THR A 134 8.71 -9.81 -3.84
CA THR A 134 9.17 -8.47 -3.51
C THR A 134 10.69 -8.44 -3.43
N SER A 135 11.27 -9.44 -2.77
CA SER A 135 12.71 -9.57 -2.69
C SER A 135 13.31 -9.74 -4.10
N SER A 136 12.62 -10.51 -4.93
CA SER A 136 13.04 -10.73 -6.30
C SER A 136 13.05 -9.42 -7.10
N ARG A 137 12.04 -8.59 -6.85
CA ARG A 137 11.93 -7.31 -7.52
C ARG A 137 13.11 -6.40 -7.19
N PHE A 138 13.49 -6.37 -5.91
CA PHE A 138 14.65 -5.60 -5.48
C PHE A 138 15.93 -6.12 -6.11
N ARG A 139 15.97 -7.42 -6.35
CA ARG A 139 17.15 -8.06 -6.95
C ARG A 139 17.29 -7.66 -8.42
N MET A 140 16.18 -7.72 -9.16
CA MET A 140 16.19 -7.40 -10.59
C MET A 140 16.32 -5.90 -10.84
N MET A 141 16.24 -5.13 -9.76
CA MET A 141 16.23 -3.68 -9.86
C MET A 141 17.50 -3.07 -9.27
N ASN A 142 18.33 -3.94 -8.68
CA ASN A 142 19.57 -3.51 -8.03
C ASN A 142 19.32 -2.44 -6.98
N LEU A 143 18.56 -2.78 -5.95
CA LEU A 143 18.28 -1.85 -4.87
C LEU A 143 19.56 -1.54 -4.11
N GLN A 144 19.81 -0.25 -3.87
CA GLN A 144 20.99 0.17 -3.13
C GLN A 144 20.67 0.40 -1.66
N GLY A 145 21.67 0.24 -0.80
CA GLY A 145 21.51 0.44 0.63
C GLY A 145 21.04 1.84 0.96
N GLU A 146 21.52 2.82 0.21
CA GLU A 146 21.12 4.21 0.38
C GLU A 146 19.64 4.40 0.02
N GLU A 147 19.16 3.62 -0.94
CA GLU A 147 17.76 3.68 -1.34
C GLU A 147 16.86 2.95 -0.34
N PHE A 148 17.34 1.83 0.17
CA PHE A 148 16.61 1.02 1.13
C PHE A 148 16.26 1.80 2.39
N VAL A 149 17.24 2.52 2.93
CA VAL A 149 17.03 3.27 4.17
C VAL A 149 16.12 4.47 3.96
N CYS A 150 16.00 4.92 2.70
CA CYS A 150 15.06 5.98 2.37
C CYS A 150 13.64 5.45 2.33
N LEU A 151 13.45 4.30 1.69
CA LEU A 151 12.14 3.66 1.60
C LEU A 151 11.58 3.28 2.96
N LYS A 152 12.45 2.71 3.82
CA LYS A 152 12.05 2.27 5.14
C LYS A 152 11.60 3.44 6.01
N SER A 153 12.29 4.56 5.88
CA SER A 153 11.94 5.78 6.60
C SER A 153 10.63 6.37 6.07
N ILE A 154 10.42 6.25 4.76
CA ILE A 154 9.18 6.71 4.14
C ILE A 154 8.00 5.95 4.70
N ILE A 155 8.13 4.63 4.77
CA ILE A 155 7.09 3.77 5.32
C ILE A 155 6.70 4.18 6.74
N LEU A 156 7.68 4.55 7.54
CA LEU A 156 7.46 4.94 8.92
C LEU A 156 6.60 6.20 9.05
N LEU A 157 6.87 7.18 8.18
CA LEU A 157 6.21 8.47 8.25
C LEU A 157 4.90 8.50 7.46
N ASN A 158 4.81 7.61 6.48
CA ASN A 158 3.66 7.52 5.60
C ASN A 158 2.55 6.57 6.03
N SER A 159 2.84 5.60 6.87
CA SER A 159 1.89 4.55 7.09
C SER A 159 0.62 5.07 7.73
N GLY A 160 0.82 5.77 8.81
CA GLY A 160 -0.24 6.32 9.57
C GLY A 160 -0.65 7.76 9.39
N VAL A 161 -0.13 8.47 8.40
CA VAL A 161 -0.40 9.89 8.26
C VAL A 161 -1.88 10.19 8.00
N TYR A 162 -2.55 9.32 7.25
CA TYR A 162 -3.96 9.49 6.85
C TYR A 162 -4.96 8.95 7.85
N THR A 163 -4.45 8.25 8.82
CA THR A 163 -5.29 7.45 9.70
C THR A 163 -5.73 8.26 10.92
N SER A 171 -6.39 19.77 15.33
CA SER A 171 -5.60 20.85 15.89
C SER A 171 -4.29 20.87 15.17
N LEU A 172 -3.69 19.71 15.15
CA LEU A 172 -2.27 19.55 15.00
C LEU A 172 -2.13 19.15 13.59
N GLU A 173 -1.56 20.02 12.78
CA GLU A 173 -1.31 19.67 11.40
C GLU A 173 0.16 19.39 11.47
N GLU A 174 0.44 18.25 12.09
CA GLU A 174 1.76 17.76 12.29
C GLU A 174 1.98 16.93 11.09
N LYS A 175 0.90 16.61 10.43
CA LYS A 175 0.95 15.92 9.16
C LYS A 175 1.67 16.79 8.13
N ASP A 176 1.53 18.10 8.27
CA ASP A 176 2.19 19.06 7.39
C ASP A 176 3.70 18.96 7.55
N HIS A 177 4.15 18.80 8.80
CA HIS A 177 5.56 18.60 9.08
C HIS A 177 6.04 17.27 8.51
N ILE A 178 5.22 16.24 8.65
CA ILE A 178 5.52 14.92 8.13
C ILE A 178 5.64 14.96 6.61
N HIS A 179 4.75 15.71 5.97
CA HIS A 179 4.79 15.89 4.52
C HIS A 179 6.09 16.54 4.07
N ARG A 180 6.57 17.50 4.85
CA ARG A 180 7.80 18.21 4.55
C ARG A 180 9.01 17.28 4.61
N VAL A 181 9.03 16.40 5.60
CA VAL A 181 10.13 15.45 5.75
C VAL A 181 10.09 14.43 4.61
N LEU A 182 8.88 13.99 4.25
CA LEU A 182 8.71 13.06 3.15
C LEU A 182 9.20 13.65 1.83
N ASP A 183 8.92 14.94 1.62
CA ASP A 183 9.42 15.64 0.43
C ASP A 183 10.94 15.69 0.43
N LYS A 184 11.52 15.79 1.62
CA LYS A 184 12.98 15.82 1.75
C LYS A 184 13.59 14.47 1.39
N ILE A 185 12.95 13.39 1.83
CA ILE A 185 13.42 12.05 1.51
C ILE A 185 13.30 11.79 0.02
N THR A 186 12.22 12.30 -0.58
CA THR A 186 12.01 12.22 -2.02
C THR A 186 13.17 12.88 -2.77
N ASP A 187 13.51 14.10 -2.35
CA ASP A 187 14.64 14.83 -2.91
C ASP A 187 15.94 14.03 -2.77
N THR A 188 16.06 13.34 -1.62
CA THR A 188 17.23 12.53 -1.34
C THR A 188 17.32 11.34 -2.29
N LEU A 189 16.19 10.70 -2.54
CA LEU A 189 16.13 9.57 -3.46
C LEU A 189 16.53 9.98 -4.88
N ILE A 190 15.98 11.12 -5.33
CA ILE A 190 16.32 11.65 -6.65
C ILE A 190 17.80 12.00 -6.74
N HIS A 191 18.34 12.53 -5.65
CA HIS A 191 19.76 12.86 -5.55
C HIS A 191 20.63 11.63 -5.77
N LEU A 192 20.22 10.52 -5.16
CA LEU A 192 20.96 9.27 -5.26
C LEU A 192 20.95 8.71 -6.68
N MET A 193 19.80 8.81 -7.33
CA MET A 193 19.63 8.29 -8.69
C MET A 193 20.38 9.15 -9.70
N ALA A 194 20.54 10.43 -9.39
CA ALA A 194 21.30 11.34 -10.24
C ALA A 194 22.78 11.00 -10.21
N LYS A 195 23.26 10.58 -9.03
CA LYS A 195 24.65 10.20 -8.86
C LYS A 195 24.94 8.86 -9.54
N ALA A 196 23.92 8.03 -9.66
CA ALA A 196 24.07 6.71 -10.26
C ALA A 196 24.14 6.79 -11.78
N GLY A 197 24.02 8.00 -12.32
CA GLY A 197 24.14 8.21 -13.75
C GLY A 197 22.85 8.01 -14.53
N LEU A 198 21.74 7.92 -13.81
CA LEU A 198 20.43 7.75 -14.44
C LEU A 198 19.95 9.06 -15.04
N THR A 199 19.35 8.99 -16.22
CA THR A 199 18.78 10.17 -16.86
C THR A 199 17.55 10.62 -16.09
N LEU A 200 17.08 11.83 -16.39
CA LEU A 200 15.90 12.39 -15.72
C LEU A 200 14.69 11.47 -15.84
N GLN A 201 14.51 10.90 -17.03
CA GLN A 201 13.41 9.97 -17.27
C GLN A 201 13.58 8.71 -16.43
N GLN A 202 14.82 8.25 -16.30
CA GLN A 202 15.12 7.04 -15.54
C GLN A 202 14.98 7.26 -14.04
N GLN A 203 15.19 8.49 -13.59
CA GLN A 203 15.08 8.82 -12.17
C GLN A 203 13.62 8.79 -11.72
N HIS A 204 12.74 9.39 -12.52
CA HIS A 204 11.31 9.44 -12.20
C HIS A 204 10.69 8.05 -12.27
N GLN A 205 11.08 7.29 -13.27
CA GLN A 205 10.57 5.93 -13.45
C GLN A 205 10.98 5.03 -12.30
N ARG A 206 12.26 5.10 -11.92
CA ARG A 206 12.77 4.29 -10.80
C ARG A 206 12.11 4.72 -9.50
N LEU A 207 11.94 6.03 -9.33
CA LEU A 207 11.25 6.57 -8.16
C LEU A 207 9.85 5.99 -8.05
N ALA A 208 9.14 6.00 -9.17
CA ALA A 208 7.78 5.47 -9.23
C ALA A 208 7.75 3.97 -8.96
N GLN A 209 8.69 3.25 -9.55
CA GLN A 209 8.78 1.80 -9.36
C GLN A 209 8.99 1.45 -7.89
N LEU A 210 9.81 2.23 -7.20
CA LEU A 210 10.09 2.00 -5.79
C LEU A 210 8.87 2.26 -4.91
N LEU A 211 8.18 3.37 -5.17
CA LEU A 211 7.04 3.76 -4.37
C LEU A 211 5.84 2.85 -4.60
N LEU A 212 5.75 2.27 -5.78
CA LEU A 212 4.67 1.32 -6.07
C LEU A 212 4.86 0.03 -5.30
N ILE A 213 6.10 -0.31 -5.00
CA ILE A 213 6.42 -1.48 -4.19
C ILE A 213 5.97 -1.28 -2.75
N LEU A 214 5.96 -0.02 -2.30
CA LEU A 214 5.47 0.33 -0.97
C LEU A 214 4.01 -0.04 -0.83
N SER A 215 3.28 0.00 -1.94
CA SER A 215 1.87 -0.37 -1.95
C SER A 215 1.71 -1.87 -1.74
N HIS A 216 2.71 -2.63 -2.17
N HIS A 216 2.69 -2.62 -2.21
CA HIS A 216 2.66 -4.08 -2.03
CA HIS A 216 2.70 -4.08 -2.05
C HIS A 216 3.13 -4.51 -0.65
C HIS A 216 3.06 -4.46 -0.63
N ILE A 217 3.96 -3.69 -0.02
CA ILE A 217 4.41 -3.95 1.34
C ILE A 217 3.26 -3.67 2.31
N ARG A 218 2.44 -2.68 1.96
CA ARG A 218 1.22 -2.40 2.70
C ARG A 218 0.26 -3.58 2.63
N HIS A 219 0.09 -4.11 1.42
CA HIS A 219 -0.80 -5.24 1.19
C HIS A 219 -0.34 -6.47 1.96
N MET A 220 0.93 -6.81 1.82
CA MET A 220 1.51 -7.95 2.54
C MET A 220 1.35 -7.81 4.05
N SER A 221 1.53 -6.59 4.55
CA SER A 221 1.40 -6.32 5.98
C SER A 221 -0.04 -6.52 6.46
N ASN A 222 -0.99 -5.96 5.73
CA ASN A 222 -2.41 -6.07 6.10
C ASN A 222 -2.90 -7.50 6.07
N LYS A 223 -2.47 -8.25 5.05
CA LYS A 223 -2.83 -9.65 4.93
C LYS A 223 -2.19 -10.49 6.04
N GLY A 224 -0.95 -10.17 6.37
CA GLY A 224 -0.23 -10.86 7.42
C GLY A 224 -0.72 -10.51 8.81
N MET A 225 -1.27 -9.30 8.94
CA MET A 225 -1.80 -8.84 10.22
C MET A 225 -3.10 -9.57 10.55
N GLU A 226 -3.84 -9.95 9.52
CA GLU A 226 -5.08 -10.69 9.69
C GLU A 226 -4.78 -12.14 10.08
N HIS A 227 -3.70 -12.68 9.54
CA HIS A 227 -3.28 -14.04 9.88
C HIS A 227 -2.58 -14.05 11.23
N LEU A 228 -1.94 -12.94 11.59
CA LEU A 228 -1.30 -12.81 12.89
C LEU A 228 -2.37 -12.67 13.97
N TYR A 229 -3.59 -12.39 13.54
CA TYR A 229 -4.68 -12.39 14.49
C TYR A 229 -5.36 -13.76 14.52
N SER A 230 -5.32 -14.51 13.46
CA SER A 230 -5.93 -15.82 13.56
C SER A 230 -5.17 -16.57 14.59
N MET A 231 -3.86 -16.46 14.51
CA MET A 231 -2.94 -17.12 15.41
C MET A 231 -3.03 -16.72 16.87
N LYS A 232 -3.26 -15.45 17.18
CA LYS A 232 -3.37 -15.06 18.58
C LYS A 232 -4.56 -15.78 19.21
N CYS A 233 -5.64 -15.87 18.48
CA CYS A 233 -6.85 -16.48 18.96
C CYS A 233 -6.68 -17.93 19.29
N LYS A 234 -5.79 -18.57 18.55
CA LYS A 234 -5.49 -19.96 18.79
C LYS A 234 -4.80 -20.21 20.11
N ASN A 235 -3.92 -19.30 20.47
CA ASN A 235 -3.01 -19.40 21.59
C ASN A 235 -2.17 -20.68 21.53
N VAL A 236 -1.92 -21.14 20.33
CA VAL A 236 -1.12 -22.31 20.12
C VAL A 236 0.27 -21.96 20.60
N VAL A 237 0.64 -20.71 20.37
CA VAL A 237 1.92 -20.21 20.81
C VAL A 237 1.76 -18.83 21.36
N PRO A 238 2.31 -18.61 22.60
CA PRO A 238 2.10 -17.26 23.13
C PRO A 238 2.90 -16.18 22.45
N LEU A 239 2.51 -14.94 22.69
CA LEU A 239 3.21 -13.83 22.09
C LEU A 239 3.57 -12.81 23.16
N SER A 240 4.69 -12.11 22.98
CA SER A 240 5.16 -11.14 23.96
C SER A 240 4.14 -10.01 24.15
N ASP A 241 4.21 -9.37 25.31
CA ASP A 241 3.26 -8.33 25.66
C ASP A 241 3.30 -7.15 24.69
N LEU A 242 4.48 -6.81 24.21
CA LEU A 242 4.63 -5.73 23.24
C LEU A 242 3.98 -6.09 21.92
N LEU A 243 4.33 -7.24 21.38
CA LEU A 243 3.80 -7.71 20.10
C LEU A 243 2.29 -7.78 20.10
N LEU A 244 1.71 -8.15 21.23
CA LEU A 244 0.26 -8.20 21.39
C LEU A 244 -0.36 -6.80 21.31
N GLU A 245 0.34 -5.82 21.88
CA GLU A 245 -0.15 -4.44 21.89
C GLU A 245 0.01 -3.79 20.52
N MET A 246 1.08 -4.12 19.83
CA MET A 246 1.29 -3.67 18.46
C MET A 246 0.20 -4.26 17.57
N LEU A 247 -0.08 -5.54 17.77
CA LEU A 247 -1.08 -6.27 16.99
C LEU A 247 -2.50 -5.82 17.32
N ASP A 248 -2.74 -5.48 18.58
CA ASP A 248 -4.07 -5.07 19.02
C ASP A 248 -4.43 -3.67 18.51
N ALA A 249 -3.43 -2.93 18.06
CA ALA A 249 -3.64 -1.60 17.52
C ALA A 249 -4.28 -1.65 16.15
N HIS A 250 -4.13 -2.80 15.48
CA HIS A 250 -4.70 -3.00 14.15
C HIS A 250 -6.14 -3.51 14.21
N ARG A 251 -6.48 -4.19 15.30
CA ARG A 251 -7.83 -4.73 15.46
C ARG A 251 -8.62 -3.93 16.49
N ASN B 7 4.43 -7.16 -29.55
CA ASN B 7 4.51 -5.77 -29.10
C ASN B 7 3.13 -5.20 -28.76
N SER B 8 3.11 -4.15 -27.94
CA SER B 8 1.87 -3.54 -27.50
C SER B 8 1.64 -2.18 -28.14
N LEU B 9 0.39 -1.88 -28.46
CA LEU B 9 0.03 -0.58 -29.02
C LEU B 9 0.13 0.51 -27.95
N ALA B 10 0.02 0.08 -26.69
CA ALA B 10 0.07 1.00 -25.56
C ALA B 10 1.38 1.79 -25.52
N LEU B 11 2.49 1.13 -25.81
CA LEU B 11 3.82 1.74 -25.70
C LEU B 11 4.10 2.74 -26.82
N SER B 12 3.41 2.59 -27.94
CA SER B 12 3.63 3.44 -29.11
C SER B 12 3.03 4.83 -28.93
N LEU B 13 2.11 4.95 -28.00
CA LEU B 13 1.39 6.22 -27.80
C LEU B 13 2.30 7.32 -27.26
N THR B 14 1.88 8.56 -27.45
CA THR B 14 2.52 9.68 -26.77
C THR B 14 1.73 9.96 -25.50
N ALA B 15 2.22 10.86 -24.67
CA ALA B 15 1.58 11.12 -23.39
C ALA B 15 0.23 11.80 -23.55
N ASP B 16 0.13 12.71 -24.52
CA ASP B 16 -1.12 13.43 -24.76
C ASP B 16 -2.24 12.49 -25.21
N GLN B 17 -1.91 11.51 -26.03
CA GLN B 17 -2.90 10.56 -26.51
C GLN B 17 -3.09 9.41 -25.53
N MET B 18 -2.12 9.22 -24.63
CA MET B 18 -2.30 8.31 -23.51
C MET B 18 -3.32 8.89 -22.56
N VAL B 19 -3.20 10.19 -22.29
CA VAL B 19 -4.18 10.93 -21.50
C VAL B 19 -5.54 10.90 -22.19
N SER B 20 -5.56 11.20 -23.48
CA SER B 20 -6.79 11.25 -24.25
C SER B 20 -7.52 9.91 -24.25
N ALA B 21 -6.74 8.83 -24.25
CA ALA B 21 -7.31 7.48 -24.20
C ALA B 21 -7.96 7.21 -22.85
N LEU B 22 -7.26 7.59 -21.78
CA LEU B 22 -7.75 7.35 -20.42
C LEU B 22 -8.99 8.17 -20.12
N LEU B 23 -9.02 9.42 -20.58
CA LEU B 23 -10.15 10.30 -20.36
C LEU B 23 -11.39 9.82 -21.11
N ASP B 24 -11.19 9.23 -22.28
CA ASP B 24 -12.30 8.76 -23.12
C ASP B 24 -12.82 7.41 -22.65
N ALA B 25 -12.00 6.69 -21.91
CA ALA B 25 -12.38 5.36 -21.40
C ALA B 25 -13.08 5.47 -20.05
N GLU B 26 -13.20 6.69 -19.55
CA GLU B 26 -13.80 6.94 -18.24
C GLU B 26 -15.22 6.40 -18.14
N PRO B 27 -15.49 5.62 -17.09
CA PRO B 27 -16.86 5.16 -16.81
C PRO B 27 -17.75 6.32 -16.39
N PRO B 28 -19.07 6.19 -16.60
CA PRO B 28 -20.01 7.24 -16.20
C PRO B 28 -20.26 7.26 -14.70
N ILE B 29 -20.71 8.39 -14.18
CA ILE B 29 -21.10 8.49 -12.79
C ILE B 29 -22.55 8.04 -12.64
N LEU B 30 -22.75 6.89 -12.01
CA LEU B 30 -24.07 6.28 -11.91
C LEU B 30 -24.88 6.87 -10.76
N TYR B 31 -26.20 6.71 -10.84
CA TYR B 31 -27.09 7.17 -9.79
C TYR B 31 -27.49 6.04 -8.85
N SER B 32 -27.89 6.39 -7.64
CA SER B 32 -28.43 5.43 -6.70
C SER B 32 -29.95 5.41 -6.79
N GLU B 33 -30.59 4.54 -6.00
CA GLU B 33 -32.04 4.51 -5.95
C GLU B 33 -32.58 5.79 -5.31
N TYR B 34 -33.69 6.29 -5.86
CA TYR B 34 -34.31 7.50 -5.34
C TYR B 34 -35.24 7.18 -4.17
N PHE B 40 -31.71 5.93 8.06
CA PHE B 40 -30.84 4.97 7.40
C PHE B 40 -30.34 3.92 8.38
N SER B 41 -30.55 2.66 8.02
CA SER B 41 -30.18 1.54 8.88
C SER B 41 -28.97 0.78 8.34
N GLU B 42 -28.76 -0.43 8.84
CA GLU B 42 -27.66 -1.28 8.40
C GLU B 42 -27.97 -1.91 7.04
N ALA B 43 -29.15 -2.48 6.92
CA ALA B 43 -29.56 -3.15 5.68
C ALA B 43 -29.85 -2.13 4.59
N SER B 44 -30.41 -0.99 4.98
CA SER B 44 -30.71 0.08 4.03
C SER B 44 -29.44 0.64 3.42
N MET B 45 -28.42 0.81 4.24
CA MET B 45 -27.14 1.35 3.80
C MET B 45 -26.42 0.36 2.89
N MET B 46 -26.31 -0.88 3.35
CA MET B 46 -25.66 -1.93 2.58
C MET B 46 -26.43 -2.24 1.30
N GLY B 47 -27.74 -2.06 1.35
CA GLY B 47 -28.60 -2.32 0.21
C GLY B 47 -28.33 -1.38 -0.95
N LEU B 48 -28.21 -0.10 -0.65
CA LEU B 48 -27.99 0.91 -1.68
C LEU B 48 -26.56 0.85 -2.24
N LEU B 49 -25.61 0.52 -1.39
CA LEU B 49 -24.21 0.48 -1.80
C LEU B 49 -23.88 -0.77 -2.61
N THR B 50 -24.43 -1.90 -2.20
CA THR B 50 -24.22 -3.16 -2.92
C THR B 50 -24.72 -3.04 -4.35
N ASN B 51 -25.94 -2.50 -4.49
CA ASN B 51 -26.54 -2.28 -5.79
C ASN B 51 -25.71 -1.31 -6.64
N LEU B 52 -25.29 -0.20 -6.01
CA LEU B 52 -24.50 0.81 -6.71
C LEU B 52 -23.15 0.25 -7.15
N ALA B 53 -22.44 -0.39 -6.24
CA ALA B 53 -21.13 -0.96 -6.53
C ALA B 53 -21.22 -2.05 -7.60
N ASP B 54 -22.33 -2.77 -7.61
CA ASP B 54 -22.51 -3.87 -8.55
C ASP B 54 -22.65 -3.35 -9.98
N ARG B 55 -23.33 -2.22 -10.13
CA ARG B 55 -23.52 -1.61 -11.44
C ARG B 55 -22.24 -0.91 -11.92
N GLU B 56 -21.40 -0.51 -10.98
CA GLU B 56 -20.13 0.14 -11.31
C GLU B 56 -19.10 -0.86 -11.79
N LEU B 57 -19.22 -2.11 -11.33
CA LEU B 57 -18.29 -3.17 -11.71
C LEU B 57 -18.37 -3.46 -13.21
N VAL B 58 -19.59 -3.52 -13.73
CA VAL B 58 -19.82 -3.78 -15.15
C VAL B 58 -19.16 -2.70 -16.00
N HIS B 59 -19.28 -1.45 -15.55
CA HIS B 59 -18.65 -0.33 -16.23
C HIS B 59 -17.13 -0.36 -16.06
N MET B 60 -16.68 -0.79 -14.89
CA MET B 60 -15.24 -0.87 -14.59
C MET B 60 -14.56 -1.91 -15.48
N ILE B 61 -15.24 -3.04 -15.68
CA ILE B 61 -14.73 -4.12 -16.51
C ILE B 61 -14.49 -3.64 -17.93
N ASN B 62 -15.48 -2.96 -18.51
CA ASN B 62 -15.36 -2.41 -19.85
C ASN B 62 -14.41 -1.22 -19.89
N TRP B 63 -14.22 -0.58 -18.74
CA TRP B 63 -13.24 0.50 -18.63
C TRP B 63 -11.83 -0.04 -18.68
N ALA B 64 -11.60 -1.15 -17.97
CA ALA B 64 -10.29 -1.78 -17.93
C ALA B 64 -9.86 -2.26 -19.31
N LYS B 65 -10.82 -2.73 -20.09
CA LYS B 65 -10.55 -3.23 -21.44
C LYS B 65 -10.08 -2.11 -22.37
N ARG B 66 -10.36 -0.88 -22.00
CA ARG B 66 -9.95 0.28 -22.80
C ARG B 66 -8.74 0.99 -22.19
N VAL B 67 -8.15 0.37 -21.17
CA VAL B 67 -6.90 0.86 -20.61
C VAL B 67 -5.73 0.30 -21.41
N PRO B 68 -4.90 1.19 -21.97
CA PRO B 68 -3.76 0.83 -22.82
C PRO B 68 -2.85 -0.22 -22.19
N GLY B 69 -2.80 -1.39 -22.81
CA GLY B 69 -1.93 -2.46 -22.34
C GLY B 69 -2.68 -3.60 -21.67
N PHE B 70 -3.93 -3.34 -21.30
CA PHE B 70 -4.71 -4.31 -20.55
C PHE B 70 -5.22 -5.46 -21.41
N VAL B 71 -5.63 -5.14 -22.64
CA VAL B 71 -6.10 -6.15 -23.59
C VAL B 71 -4.97 -7.12 -23.95
N ASP B 72 -3.75 -6.58 -24.03
CA ASP B 72 -2.57 -7.36 -24.39
C ASP B 72 -2.33 -8.51 -23.42
N LEU B 73 -2.75 -8.36 -22.17
CA LEU B 73 -2.60 -9.40 -21.17
C LEU B 73 -3.52 -10.59 -21.46
N THR B 74 -3.17 -11.74 -20.90
CA THR B 74 -4.03 -12.92 -21.01
C THR B 74 -5.31 -12.69 -20.22
N LEU B 75 -6.35 -13.46 -20.53
CA LEU B 75 -7.64 -13.32 -19.87
C LEU B 75 -7.52 -13.61 -18.37
N HIS B 76 -6.65 -14.56 -18.04
CA HIS B 76 -6.41 -14.93 -16.65
C HIS B 76 -5.81 -13.76 -15.87
N ASP B 77 -4.88 -13.05 -16.50
CA ASP B 77 -4.23 -11.91 -15.86
C ASP B 77 -5.18 -10.72 -15.72
N GLN B 78 -6.09 -10.59 -16.65
CA GLN B 78 -7.05 -9.57 -16.58
C GLN B 78 -7.99 -9.83 -15.45
N VAL B 79 -8.29 -11.08 -15.17
CA VAL B 79 -9.17 -11.49 -14.10
C VAL B 79 -8.48 -11.27 -12.77
N HIS B 80 -7.22 -11.59 -12.72
CA HIS B 80 -6.46 -11.43 -11.49
C HIS B 80 -6.35 -9.97 -11.06
N LEU B 81 -6.00 -9.10 -12.01
CA LEU B 81 -5.81 -7.68 -11.70
C LEU B 81 -7.11 -7.01 -11.28
N LEU B 82 -8.20 -7.34 -11.97
CA LEU B 82 -9.51 -6.79 -11.63
C LEU B 82 -9.97 -7.26 -10.26
N GLU B 83 -9.70 -8.53 -9.95
CA GLU B 83 -10.08 -9.09 -8.66
C GLU B 83 -9.30 -8.47 -7.51
N CYS B 84 -8.08 -8.03 -7.79
CA CYS B 84 -7.23 -7.45 -6.76
C CYS B 84 -7.51 -5.96 -6.53
N ALA B 85 -7.95 -5.27 -7.57
CA ALA B 85 -8.00 -3.81 -7.54
C ALA B 85 -9.40 -3.21 -7.52
N TRP B 86 -10.43 -4.05 -7.64
CA TRP B 86 -11.79 -3.54 -7.85
C TRP B 86 -12.27 -2.61 -6.74
N LEU B 87 -11.90 -2.89 -5.50
CA LEU B 87 -12.33 -2.03 -4.39
C LEU B 87 -11.49 -0.77 -4.34
N GLU B 88 -10.20 -0.89 -4.62
CA GLU B 88 -9.33 0.28 -4.71
C GLU B 88 -9.86 1.25 -5.76
N ILE B 89 -10.19 0.71 -6.93
CA ILE B 89 -10.68 1.51 -8.06
C ILE B 89 -12.00 2.21 -7.73
N LEU B 90 -12.88 1.52 -7.01
CA LEU B 90 -14.13 2.13 -6.59
C LEU B 90 -13.90 3.21 -5.53
N MET B 91 -12.91 2.97 -4.68
CA MET B 91 -12.61 3.90 -3.60
C MET B 91 -11.97 5.19 -4.11
N ILE B 92 -11.03 5.08 -5.03
CA ILE B 92 -10.37 6.26 -5.59
C ILE B 92 -11.34 7.03 -6.49
N GLY B 93 -12.34 6.33 -7.01
CA GLY B 93 -13.38 6.99 -7.79
C GLY B 93 -14.28 7.76 -6.86
N LEU B 94 -14.50 7.19 -5.67
CA LEU B 94 -15.35 7.81 -4.66
C LEU B 94 -14.73 9.10 -4.12
N VAL B 95 -13.45 9.05 -3.76
CA VAL B 95 -12.77 10.19 -3.17
C VAL B 95 -12.55 11.29 -4.21
N TRP B 96 -12.49 10.91 -5.48
CA TRP B 96 -12.30 11.87 -6.56
C TRP B 96 -13.50 12.80 -6.70
N ARG B 97 -14.69 12.21 -6.78
CA ARG B 97 -15.91 12.99 -6.94
C ARG B 97 -16.39 13.58 -5.63
N SER B 98 -15.82 13.10 -4.52
CA SER B 98 -16.17 13.62 -3.20
C SER B 98 -15.34 14.86 -2.85
N MET B 99 -14.51 15.31 -3.78
CA MET B 99 -13.63 16.45 -3.54
C MET B 99 -14.42 17.73 -3.30
N GLU B 100 -15.36 18.03 -4.20
CA GLU B 100 -16.15 19.26 -4.12
C GLU B 100 -17.03 19.32 -2.86
N HIS B 101 -17.09 18.21 -2.13
CA HIS B 101 -17.93 18.12 -0.94
C HIS B 101 -17.12 17.67 0.28
N PRO B 102 -16.37 18.61 0.89
CA PRO B 102 -15.58 18.31 2.09
C PRO B 102 -16.44 17.78 3.23
N GLY B 103 -15.93 16.78 3.95
CA GLY B 103 -16.66 16.19 5.06
C GLY B 103 -17.73 15.22 4.62
N LYS B 104 -17.92 15.09 3.30
CA LYS B 104 -18.94 14.21 2.75
C LYS B 104 -18.37 13.25 1.71
N LEU B 105 -19.14 12.23 1.37
CA LEU B 105 -18.75 11.25 0.36
C LEU B 105 -19.80 11.13 -0.74
N LEU B 106 -19.49 11.68 -1.90
CA LEU B 106 -20.39 11.60 -3.05
C LEU B 106 -20.39 10.20 -3.65
N PHE B 107 -21.16 9.30 -3.04
CA PHE B 107 -21.32 7.95 -3.56
C PHE B 107 -22.05 7.98 -4.89
N ALA B 108 -23.05 8.84 -4.97
CA ALA B 108 -23.82 9.09 -6.17
C ALA B 108 -24.34 10.51 -6.12
N PRO B 109 -24.63 11.12 -7.29
CA PRO B 109 -25.15 12.49 -7.30
C PRO B 109 -26.39 12.67 -6.42
N ASN B 110 -27.14 11.60 -6.21
CA ASN B 110 -28.33 11.64 -5.35
C ASN B 110 -28.14 10.83 -4.07
N LEU B 111 -26.89 10.65 -3.66
CA LEU B 111 -26.60 9.90 -2.43
C LEU B 111 -25.40 10.49 -1.71
N LEU B 112 -25.67 11.45 -0.82
CA LEU B 112 -24.62 12.10 -0.04
C LEU B 112 -24.58 11.56 1.38
N LEU B 113 -23.44 11.00 1.77
CA LEU B 113 -23.29 10.38 3.08
C LEU B 113 -22.20 11.07 3.91
N ASP B 114 -22.57 11.58 5.08
CA ASP B 114 -21.60 12.14 6.00
C ASP B 114 -21.13 11.06 6.97
N ARG B 115 -20.24 11.43 7.89
CA ARG B 115 -19.66 10.45 8.82
C ARG B 115 -20.71 9.80 9.71
N ASN B 116 -21.74 10.56 10.07
CA ASN B 116 -22.76 10.08 11.00
C ASN B 116 -23.54 8.88 10.48
N GLN B 117 -23.60 8.73 9.16
CA GLN B 117 -24.31 7.60 8.56
C GLN B 117 -23.39 6.41 8.37
N GLY B 118 -22.10 6.62 8.55
CA GLY B 118 -21.13 5.54 8.49
C GLY B 118 -21.20 4.67 9.73
N LYS B 119 -21.74 5.24 10.81
CA LYS B 119 -21.85 4.52 12.07
C LYS B 119 -23.04 3.57 12.07
N CYS B 120 -23.92 3.74 11.08
CA CYS B 120 -25.08 2.86 10.93
C CYS B 120 -24.65 1.46 10.52
N VAL B 121 -23.43 1.35 9.99
CA VAL B 121 -22.87 0.07 9.60
C VAL B 121 -21.60 -0.21 10.40
N GLU B 122 -21.56 -1.37 11.05
CA GLU B 122 -20.45 -1.73 11.93
C GLU B 122 -19.14 -1.90 11.17
N GLY B 123 -18.14 -1.10 11.52
CA GLY B 123 -16.83 -1.19 10.91
C GLY B 123 -16.68 -0.35 9.65
N MET B 124 -17.70 0.45 9.35
CA MET B 124 -17.70 1.27 8.14
C MET B 124 -17.26 2.71 8.42
N VAL B 125 -17.61 3.21 9.60
CA VAL B 125 -17.38 4.62 9.94
C VAL B 125 -15.90 4.99 9.94
N GLU B 126 -15.04 4.04 10.33
CA GLU B 126 -13.62 4.31 10.38
C GLU B 126 -13.00 4.28 8.99
N ILE B 127 -13.60 3.49 8.10
CA ILE B 127 -13.17 3.45 6.71
C ILE B 127 -13.61 4.73 6.00
N PHE B 128 -14.78 5.23 6.40
CA PHE B 128 -15.28 6.51 5.89
C PHE B 128 -14.31 7.64 6.19
N ASP B 129 -13.77 7.65 7.41
CA ASP B 129 -12.84 8.68 7.82
C ASP B 129 -11.57 8.67 6.98
N MET B 130 -11.08 7.47 6.68
CA MET B 130 -9.91 7.33 5.83
C MET B 130 -10.22 7.79 4.42
N LEU B 131 -11.46 7.57 3.98
CA LEU B 131 -11.91 8.02 2.67
C LEU B 131 -12.02 9.54 2.64
N LEU B 132 -12.56 10.11 3.71
CA LEU B 132 -12.70 11.57 3.82
C LEU B 132 -11.34 12.26 3.85
N ALA B 133 -10.38 11.64 4.53
CA ALA B 133 -9.03 12.20 4.62
C ALA B 133 -8.29 12.07 3.30
N THR B 134 -8.61 11.03 2.54
CA THR B 134 -8.00 10.83 1.23
C THR B 134 -8.54 11.85 0.23
N SER B 135 -9.84 12.13 0.30
CA SER B 135 -10.46 13.12 -0.58
C SER B 135 -9.97 14.52 -0.26
N SER B 136 -9.85 14.81 1.04
CA SER B 136 -9.34 16.10 1.50
C SER B 136 -7.90 16.30 1.06
N ARG B 137 -7.11 15.24 1.12
CA ARG B 137 -5.73 15.29 0.68
C ARG B 137 -5.66 15.57 -0.81
N PHE B 138 -6.55 14.93 -1.58
CA PHE B 138 -6.64 15.20 -3.01
C PHE B 138 -7.11 16.63 -3.26
N ARG B 139 -8.04 17.11 -2.47
CA ARG B 139 -8.45 18.51 -2.58
C ARG B 139 -7.35 19.50 -2.19
N MET B 140 -6.64 19.19 -1.15
CA MET B 140 -5.66 20.12 -0.62
C MET B 140 -4.44 20.27 -1.52
N MET B 141 -4.44 19.58 -2.66
CA MET B 141 -3.32 19.68 -3.60
C MET B 141 -3.76 19.70 -5.05
N ASN B 142 -5.03 20.06 -5.26
CA ASN B 142 -5.53 20.28 -6.61
C ASN B 142 -5.26 19.11 -7.55
N LEU B 143 -5.84 17.95 -7.23
CA LEU B 143 -5.71 16.78 -8.11
C LEU B 143 -6.52 17.01 -9.39
N GLN B 144 -5.82 16.97 -10.52
CA GLN B 144 -6.47 17.16 -11.83
C GLN B 144 -7.05 15.84 -12.33
N GLY B 145 -8.01 15.94 -13.25
CA GLY B 145 -8.65 14.77 -13.83
C GLY B 145 -7.69 13.93 -14.66
N GLU B 146 -6.74 14.60 -15.32
CA GLU B 146 -5.72 13.91 -16.11
C GLU B 146 -4.80 13.10 -15.20
N GLU B 147 -4.63 13.57 -13.97
CA GLU B 147 -3.82 12.87 -12.99
C GLU B 147 -4.60 11.71 -12.37
N PHE B 148 -5.90 11.92 -12.20
CA PHE B 148 -6.77 10.91 -11.63
C PHE B 148 -6.85 9.65 -12.49
N VAL B 149 -7.03 9.84 -13.80
CA VAL B 149 -7.14 8.70 -14.72
C VAL B 149 -5.82 7.95 -14.83
N CYS B 150 -4.71 8.65 -14.60
CA CYS B 150 -3.39 8.00 -14.60
C CYS B 150 -3.22 7.17 -13.33
N LEU B 151 -3.65 7.73 -12.20
CA LEU B 151 -3.57 7.05 -10.91
C LEU B 151 -4.42 5.79 -10.88
N LYS B 152 -5.65 5.89 -11.36
CA LYS B 152 -6.57 4.77 -11.35
C LYS B 152 -6.06 3.63 -12.24
N SER B 153 -5.41 3.99 -13.33
CA SER B 153 -4.82 3.00 -14.23
C SER B 153 -3.63 2.31 -13.58
N ILE B 154 -2.84 3.07 -12.84
CA ILE B 154 -1.70 2.52 -12.10
C ILE B 154 -2.17 1.46 -11.11
N ILE B 155 -3.24 1.79 -10.38
CA ILE B 155 -3.83 0.86 -9.41
C ILE B 155 -4.25 -0.46 -10.05
N LEU B 156 -4.82 -0.37 -11.24
CA LEU B 156 -5.27 -1.55 -11.96
C LEU B 156 -4.11 -2.47 -12.33
N LEU B 157 -3.01 -1.88 -12.78
CA LEU B 157 -1.88 -2.65 -13.29
C LEU B 157 -0.90 -3.09 -12.19
N ASN B 158 -0.82 -2.32 -11.12
CA ASN B 158 0.08 -2.57 -10.03
C ASN B 158 -0.49 -3.45 -8.95
N SER B 159 -1.78 -3.73 -9.01
CA SER B 159 -2.44 -4.36 -7.90
C SER B 159 -1.97 -5.75 -7.63
N GLY B 160 -1.90 -6.53 -8.66
CA GLY B 160 -1.94 -7.94 -8.49
C GLY B 160 -0.68 -8.44 -9.10
N VAL B 161 0.13 -7.47 -9.46
CA VAL B 161 1.15 -7.66 -10.49
C VAL B 161 2.27 -8.59 -10.01
N TYR B 162 2.36 -8.81 -8.70
CA TYR B 162 3.40 -9.67 -8.15
C TYR B 162 2.95 -11.11 -8.01
N THR B 163 2.63 -11.75 -9.14
CA THR B 163 2.25 -13.15 -9.13
C THR B 163 3.39 -14.02 -9.66
N ASP B 176 6.87 -8.41 -17.22
CA ASP B 176 7.73 -7.31 -17.65
C ASP B 176 6.95 -6.30 -18.48
N HIS B 177 5.88 -6.77 -19.12
CA HIS B 177 5.05 -5.91 -19.95
C HIS B 177 4.34 -4.84 -19.12
N ILE B 178 3.73 -5.27 -18.02
CA ILE B 178 3.01 -4.36 -17.13
C ILE B 178 3.94 -3.27 -16.57
N HIS B 179 5.16 -3.67 -16.24
CA HIS B 179 6.15 -2.73 -15.73
C HIS B 179 6.47 -1.67 -16.76
N ARG B 180 6.53 -2.06 -18.02
CA ARG B 180 6.84 -1.14 -19.10
C ARG B 180 5.68 -0.18 -19.37
N VAL B 181 4.46 -0.67 -19.17
CA VAL B 181 3.28 0.17 -19.29
C VAL B 181 3.21 1.13 -18.10
N LEU B 182 3.57 0.62 -16.92
CA LEU B 182 3.57 1.43 -15.71
C LEU B 182 4.59 2.57 -15.79
N ASP B 183 5.74 2.29 -16.39
CA ASP B 183 6.76 3.31 -16.63
C ASP B 183 6.24 4.39 -17.57
N LYS B 184 5.42 3.98 -18.53
CA LYS B 184 4.87 4.91 -19.49
C LYS B 184 3.84 5.84 -18.86
N ILE B 185 3.04 5.28 -17.94
CA ILE B 185 2.07 6.08 -17.20
C ILE B 185 2.80 7.08 -16.31
N THR B 186 3.96 6.66 -15.80
CA THR B 186 4.80 7.53 -15.00
C THR B 186 5.26 8.73 -15.81
N ASP B 187 5.73 8.46 -17.03
CA ASP B 187 6.13 9.51 -17.96
C ASP B 187 4.97 10.45 -18.25
N THR B 188 3.77 9.87 -18.33
CA THR B 188 2.57 10.63 -18.61
C THR B 188 2.25 11.61 -17.49
N LEU B 189 2.46 11.17 -16.25
CA LEU B 189 2.22 12.03 -15.09
C LEU B 189 3.18 13.22 -15.05
N ILE B 190 4.46 12.94 -15.27
CA ILE B 190 5.47 13.99 -15.34
C ILE B 190 5.15 14.95 -16.49
N HIS B 191 4.73 14.37 -17.61
CA HIS B 191 4.32 15.13 -18.80
C HIS B 191 3.22 16.14 -18.47
N LEU B 192 2.31 15.76 -17.57
CA LEU B 192 1.20 16.63 -17.19
C LEU B 192 1.64 17.72 -16.21
N MET B 193 2.52 17.37 -15.30
CA MET B 193 3.03 18.32 -14.31
C MET B 193 3.97 19.32 -14.97
N ALA B 194 4.64 18.89 -16.03
CA ALA B 194 5.50 19.77 -16.82
C ALA B 194 4.64 20.78 -17.57
N LYS B 195 3.44 20.35 -17.94
CA LYS B 195 2.48 21.22 -18.60
C LYS B 195 1.96 22.30 -17.64
N ALA B 196 1.74 21.90 -16.38
CA ALA B 196 1.20 22.80 -15.38
C ALA B 196 2.23 23.85 -14.93
N GLY B 197 3.47 23.70 -15.37
CA GLY B 197 4.50 24.67 -15.08
C GLY B 197 5.23 24.44 -13.77
N LEU B 198 5.28 23.19 -13.33
CA LEU B 198 6.01 22.84 -12.12
C LEU B 198 7.49 22.66 -12.42
N THR B 199 8.35 23.02 -11.46
CA THR B 199 9.78 22.84 -11.62
C THR B 199 10.15 21.38 -11.49
N LEU B 200 11.39 21.04 -11.82
CA LEU B 200 11.86 19.66 -11.75
C LEU B 200 11.71 19.08 -10.35
N GLN B 201 12.05 19.87 -9.34
CA GLN B 201 11.93 19.42 -7.96
C GLN B 201 10.47 19.20 -7.59
N GLN B 202 9.59 20.10 -8.03
CA GLN B 202 8.17 20.00 -7.73
C GLN B 202 7.52 18.83 -8.46
N GLN B 203 8.08 18.45 -9.60
CA GLN B 203 7.52 17.38 -10.41
C GLN B 203 7.68 16.01 -9.75
N HIS B 204 8.89 15.70 -9.28
CA HIS B 204 9.12 14.41 -8.64
C HIS B 204 8.64 14.42 -7.18
N GLN B 205 8.48 15.60 -6.61
CA GLN B 205 7.89 15.72 -5.28
C GLN B 205 6.41 15.39 -5.33
N ARG B 206 5.71 15.99 -6.28
CA ARG B 206 4.28 15.76 -6.47
C ARG B 206 4.04 14.32 -6.93
N LEU B 207 4.94 13.80 -7.76
CA LEU B 207 4.86 12.42 -8.21
C LEU B 207 4.93 11.47 -7.02
N ALA B 208 5.81 11.77 -6.09
CA ALA B 208 5.96 10.96 -4.88
C ALA B 208 4.73 11.07 -3.99
N GLN B 209 4.21 12.29 -3.85
CA GLN B 209 3.03 12.53 -3.03
C GLN B 209 1.82 11.72 -3.50
N LEU B 210 1.64 11.66 -4.82
CA LEU B 210 0.51 10.94 -5.39
C LEU B 210 0.61 9.42 -5.19
N LEU B 211 1.82 8.89 -5.31
CA LEU B 211 2.04 7.45 -5.24
C LEU B 211 1.99 6.93 -3.81
N LEU B 212 2.36 7.77 -2.86
CA LEU B 212 2.27 7.41 -1.44
C LEU B 212 0.82 7.29 -1.00
N ILE B 213 -0.06 8.04 -1.66
CA ILE B 213 -1.49 7.99 -1.37
C ILE B 213 -2.09 6.66 -1.82
N LEU B 214 -1.55 6.12 -2.90
CA LEU B 214 -1.99 4.82 -3.41
C LEU B 214 -1.74 3.71 -2.39
N SER B 215 -0.73 3.92 -1.55
CA SER B 215 -0.42 2.98 -0.47
C SER B 215 -1.54 2.98 0.57
N HIS B 216 -2.16 4.13 0.78
CA HIS B 216 -3.24 4.26 1.75
C HIS B 216 -4.56 3.75 1.17
N ILE B 217 -4.70 3.84 -0.15
CA ILE B 217 -5.89 3.34 -0.83
C ILE B 217 -5.86 1.82 -0.79
N ARG B 218 -4.65 1.25 -0.85
CA ARG B 218 -4.46 -0.18 -0.68
C ARG B 218 -4.86 -0.59 0.75
N HIS B 219 -4.49 0.26 1.70
CA HIS B 219 -4.81 0.03 3.11
C HIS B 219 -6.32 0.07 3.34
N MET B 220 -6.97 1.09 2.77
CA MET B 220 -8.42 1.21 2.89
C MET B 220 -9.14 0.03 2.26
N SER B 221 -8.60 -0.47 1.16
CA SER B 221 -9.20 -1.61 0.47
C SER B 221 -9.13 -2.89 1.29
N ASN B 222 -7.94 -3.23 1.78
CA ASN B 222 -7.74 -4.43 2.58
C ASN B 222 -8.58 -4.41 3.85
N LYS B 223 -8.54 -3.30 4.58
CA LYS B 223 -9.32 -3.13 5.79
C LYS B 223 -10.81 -3.17 5.49
N GLY B 224 -11.17 -2.75 4.30
CA GLY B 224 -12.56 -2.74 3.88
C GLY B 224 -13.01 -4.07 3.31
N MET B 225 -12.06 -4.85 2.82
CA MET B 225 -12.36 -6.13 2.21
C MET B 225 -12.70 -7.19 3.27
N GLU B 226 -11.99 -7.13 4.40
CA GLU B 226 -12.23 -8.08 5.48
C GLU B 226 -13.56 -7.80 6.17
N HIS B 227 -14.00 -6.55 6.10
CA HIS B 227 -15.32 -6.18 6.62
C HIS B 227 -16.43 -6.71 5.71
N LEU B 228 -16.14 -6.77 4.42
CA LEU B 228 -17.09 -7.33 3.45
C LEU B 228 -17.36 -8.81 3.75
N TYR B 229 -16.37 -9.49 4.28
CA TYR B 229 -16.54 -10.87 4.74
C TYR B 229 -17.50 -10.93 5.92
N SER B 230 -17.33 -9.97 6.84
CA SER B 230 -18.16 -9.88 8.04
C SER B 230 -19.49 -9.19 7.76
N MET B 231 -19.95 -9.29 6.51
CA MET B 231 -21.19 -8.63 6.08
C MET B 231 -21.92 -9.46 5.03
N LYS B 232 -21.32 -10.59 4.64
CA LYS B 232 -21.89 -11.44 3.60
C LYS B 232 -23.27 -11.98 3.98
N ASN B 235 -27.24 -12.63 4.61
CA ASN B 235 -27.13 -12.22 6.01
C ASN B 235 -27.76 -10.86 6.24
N VAL B 236 -27.00 -9.81 5.94
CA VAL B 236 -27.52 -8.44 6.03
C VAL B 236 -28.38 -8.15 4.81
N VAL B 237 -27.74 -8.18 3.64
CA VAL B 237 -28.44 -8.07 2.36
C VAL B 237 -27.86 -9.10 1.39
N PRO B 238 -28.70 -9.65 0.51
CA PRO B 238 -28.22 -10.63 -0.48
C PRO B 238 -27.27 -10.01 -1.50
N LEU B 239 -26.02 -10.45 -1.50
CA LEU B 239 -25.03 -9.95 -2.42
C LEU B 239 -25.16 -10.63 -3.78
N SER B 240 -24.82 -9.90 -4.84
CA SER B 240 -24.92 -10.45 -6.18
C SER B 240 -23.86 -11.50 -6.42
N ASP B 241 -24.05 -12.32 -7.45
CA ASP B 241 -23.13 -13.38 -7.79
C ASP B 241 -21.76 -12.86 -8.15
N LEU B 242 -21.71 -11.81 -8.95
CA LEU B 242 -20.47 -11.22 -9.36
C LEU B 242 -19.70 -10.63 -8.21
N LEU B 243 -20.41 -10.04 -7.29
CA LEU B 243 -19.81 -9.50 -6.12
C LEU B 243 -19.25 -10.52 -5.20
N LEU B 244 -19.96 -11.61 -5.03
CA LEU B 244 -19.50 -12.67 -4.19
C LEU B 244 -18.22 -13.25 -4.72
N GLU B 245 -18.11 -13.31 -6.03
CA GLU B 245 -16.94 -13.85 -6.67
C GLU B 245 -15.75 -12.92 -6.65
N MET B 246 -16.02 -11.62 -6.64
CA MET B 246 -14.99 -10.62 -6.61
C MET B 246 -14.31 -10.61 -5.26
N LEU B 247 -15.04 -10.82 -4.19
CA LEU B 247 -14.48 -10.79 -2.84
C LEU B 247 -13.98 -12.16 -2.40
N ASP B 248 -14.50 -13.22 -3.00
CA ASP B 248 -14.06 -14.57 -2.68
C ASP B 248 -12.64 -14.79 -3.18
N ALA B 249 -12.27 -14.02 -4.20
CA ALA B 249 -10.94 -14.10 -4.78
C ALA B 249 -9.89 -13.55 -3.82
N HIS B 250 -10.30 -12.63 -2.95
CA HIS B 250 -9.40 -12.06 -1.96
C HIS B 250 -9.22 -12.98 -0.75
N ARG B 251 -9.79 -14.17 -0.84
CA ARG B 251 -9.67 -15.16 0.22
C ARG B 251 -8.87 -16.37 -0.26
N LEU B 252 -7.96 -16.14 -1.20
CA LEU B 252 -7.14 -17.21 -1.76
C LEU B 252 -5.79 -16.68 -2.25
N LYS C 3 1.26 1.37 28.51
CA LYS C 3 1.58 0.76 27.23
C LYS C 3 3.09 0.65 27.04
N ILE C 4 3.53 -0.50 26.54
CA ILE C 4 4.96 -0.79 26.39
C ILE C 4 5.64 0.13 25.37
N LEU C 5 5.02 0.28 24.20
CA LEU C 5 5.56 1.13 23.15
C LEU C 5 5.69 2.58 23.62
N HIS C 6 4.78 2.98 24.50
CA HIS C 6 4.78 4.31 25.09
C HIS C 6 6.07 4.56 25.88
N ARG C 7 6.41 3.61 26.74
CA ARG C 7 7.54 3.77 27.65
C ARG C 7 8.89 3.65 26.93
N LEU C 8 8.98 2.73 25.98
CA LEU C 8 10.22 2.48 25.26
C LEU C 8 10.61 3.67 24.39
N LEU C 9 9.62 4.37 23.86
CA LEU C 9 9.85 5.59 23.10
C LEU C 9 10.26 6.74 24.02
N GLN C 10 9.85 6.64 25.28
CA GLN C 10 9.99 7.73 26.23
C GLN C 10 11.28 7.66 27.04
N ASP C 11 12.04 6.59 26.85
CA ASP C 11 13.29 6.41 27.59
C ASP C 11 14.31 7.47 27.16
N SER C 12 15.04 8.00 28.14
CA SER C 12 16.00 9.09 27.93
C SER C 12 15.32 10.30 27.30
N HIS D 2 -15.52 -21.64 -13.45
CA HIS D 2 -16.14 -20.75 -14.44
C HIS D 2 -16.74 -19.52 -13.78
N LYS D 3 -15.95 -18.45 -13.72
CA LYS D 3 -16.39 -17.22 -13.06
C LYS D 3 -17.05 -16.25 -14.03
N ILE D 4 -17.90 -15.38 -13.48
CA ILE D 4 -18.62 -14.40 -14.29
C ILE D 4 -17.66 -13.39 -14.92
N LEU D 5 -16.55 -13.13 -14.25
CA LEU D 5 -15.55 -12.19 -14.72
C LEU D 5 -14.94 -12.64 -16.04
N HIS D 6 -14.87 -13.95 -16.24
CA HIS D 6 -14.37 -14.53 -17.49
C HIS D 6 -15.25 -14.13 -18.68
N ARG D 7 -16.56 -14.17 -18.47
CA ARG D 7 -17.52 -13.90 -19.53
C ARG D 7 -17.61 -12.41 -19.87
N LEU D 8 -17.68 -11.58 -18.84
CA LEU D 8 -17.88 -10.14 -19.03
C LEU D 8 -16.69 -9.46 -19.70
N LEU D 9 -15.51 -10.08 -19.60
CA LEU D 9 -14.30 -9.51 -20.18
C LEU D 9 -14.13 -9.87 -21.66
N GLN D 10 -15.23 -10.32 -22.28
CA GLN D 10 -15.21 -10.67 -23.70
C GLN D 10 -16.29 -9.91 -24.46
C01 OB1 E . 5.79 -11.95 13.86
C02 OB1 E . 5.42 -13.06 14.47
C03 OB1 E . 5.42 -14.15 13.71
C04 OB1 E . 5.76 -14.13 12.42
C05 OB1 E . 6.14 -13.00 11.80
C06 OB1 E . 6.13 -11.92 12.58
O01 OB1 E . 5.09 -13.09 15.75
C07 OB1 E . 6.45 -13.00 10.50
C08 OB1 E . 7.47 -12.53 9.74
C09 OB1 E . 7.05 -12.96 8.35
C10 OB1 E . 8.58 -11.82 9.96
C11 OB1 E . 5.56 -13.69 9.49
C12 OB1 E . 9.23 -11.84 11.10
C13 OB1 E . 10.32 -11.14 11.32
C14 OB1 E . 10.79 -10.37 10.38
C15 OB1 E . 10.15 -10.32 9.23
C16 OB1 E . 9.07 -11.04 9.02
O02 OB1 E . 11.87 -9.66 10.58
C17 OB1 E . 4.80 -12.58 8.77
C18 OB1 E . 5.92 -12.09 7.85
S01 OB1 E . 3.34 -13.06 8.02
O03 OB1 E . 6.42 -14.16 8.53
N01 OB1 E . 2.04 -13.40 9.02
O04 OB1 E . 2.66 -12.07 7.34
O05 OB1 E . 3.31 -14.30 7.41
C19 OB1 E . 1.64 -14.50 9.52
C20 OB1 E . 0.77 -15.26 8.84
C21 OB1 E . 0.34 -16.42 9.33
C22 OB1 E . 0.74 -16.85 10.51
C23 OB1 E . 1.60 -16.11 11.20
C24 OB1 E . 2.03 -14.95 10.71
C01 OB1 F . -19.65 -2.68 -2.01
C02 OB1 F . -20.57 -3.25 -1.24
C03 OB1 F . -20.83 -2.69 -0.08
C04 OB1 F . -20.19 -1.61 0.29
C05 OB1 F . -19.29 -1.02 -0.47
C06 OB1 F . -19.04 -1.61 -1.62
O01 OB1 F . -21.21 -4.34 -1.63
C07 OB1 F . -18.64 0.08 -0.08
C08 OB1 F . -18.24 1.23 -0.66
C09 OB1 F . -17.52 1.94 0.47
C10 OB1 F . -18.35 1.74 -1.90
C11 OB1 F . -18.12 0.21 1.33
C12 OB1 F . -19.32 1.40 -2.75
C13 OB1 F . -19.41 1.89 -3.97
C14 OB1 F . -18.53 2.76 -4.42
C15 OB1 F . -17.57 3.11 -3.58
C16 OB1 F . -17.47 2.62 -2.35
O02 OB1 F . -18.60 3.26 -5.63
C17 OB1 F . -16.62 -0.03 1.31
C18 OB1 F . -16.17 1.30 0.68
S01 OB1 F . -15.94 -0.33 2.87
O03 OB1 F . -18.22 1.55 1.57
N01 OB1 F . -16.44 -1.78 3.50
O04 OB1 F . -14.64 -0.69 2.96
O05 OB1 F . -16.49 0.46 3.86
C19 OB1 F . -17.35 -2.05 4.33
C20 OB1 F . -17.20 -1.67 5.60
C21 OB1 F . -18.10 -1.92 6.52
C22 OB1 F . -19.19 -2.56 6.18
C23 OB1 F . -19.35 -2.94 4.92
C24 OB1 F . -18.44 -2.69 3.99
#